data_3CPR
#
_entry.id   3CPR
#
_cell.length_a   135.300
_cell.length_b   54.810
_cell.length_c   98.610
_cell.angle_alpha   90.000
_cell.angle_beta   129.390
_cell.angle_gamma   90.000
#
_symmetry.space_group_name_H-M   'C 1 2 1'
#
loop_
_entity.id
_entity.type
_entity.pdbx_description
1 polymer 'Dihydrodipicolinate synthetase'
2 water water
#
_entity_poly.entity_id   1
_entity_poly.type   'polypeptide(L)'
_entity_poly.pdbx_seq_one_letter_code
;MAITSTGLTAKTGVEHFGTVGVAMVTPFTESGDIDIAAGREVAAYLVDKGLDSLVLAGTTGESPTTTAAEKLELLKAVRE
EVGDRAKLIAGVGTNNTRTSVELAEAAASAGADGLLVVTPYYSKPSQEGLLAHFGAIAAATEVPICLYDIPGRSGIPIES
DTMRRLSELPTILAV(KPI)DAKGDLVAATSLIKETGLAWYSGDDPLNLVWLALGGSGFISVIGHAAPTALRELYTSFEE
GDLVRAREINAKLSPLVAAQGRLGGVSLAKAALRLQGINVGDPRLPIMAPNEQELEALREDMKKAGVL
;
_entity_poly.pdbx_strand_id   A,B
#
# COMPACT_ATOMS: atom_id res chain seq x y z
N ILE A 3 33.66 -33.11 5.57
CA ILE A 3 33.78 -31.98 6.54
C ILE A 3 32.47 -31.21 6.67
N THR A 4 31.86 -31.32 7.85
CA THR A 4 30.59 -30.64 8.14
C THR A 4 30.39 -30.51 9.65
N SER A 5 30.06 -29.31 10.10
CA SER A 5 29.82 -29.05 11.51
C SER A 5 28.46 -28.38 11.71
N THR A 6 27.45 -29.20 11.97
CA THR A 6 26.09 -28.71 12.16
C THR A 6 25.85 -27.92 13.45
N GLY A 7 25.38 -26.68 13.29
CA GLY A 7 25.07 -25.84 14.42
C GLY A 7 23.60 -26.01 14.73
N LEU A 8 23.06 -25.19 15.63
CA LEU A 8 21.66 -25.29 16.00
C LEU A 8 20.70 -24.56 15.07
N THR A 9 21.24 -23.75 14.17
CA THR A 9 20.41 -22.99 13.25
C THR A 9 20.14 -23.68 11.93
N ALA A 10 18.90 -23.61 11.45
CA ALA A 10 18.56 -24.20 10.16
C ALA A 10 19.42 -23.49 9.12
N LYS A 11 19.92 -24.24 8.14
CA LYS A 11 20.77 -23.68 7.11
C LYS A 11 20.06 -23.51 5.76
N THR A 12 18.78 -23.81 5.75
CA THR A 12 17.98 -23.71 4.55
C THR A 12 18.13 -22.38 3.81
N GLY A 13 18.39 -22.47 2.50
CA GLY A 13 18.51 -21.31 1.65
C GLY A 13 19.52 -20.20 1.94
N VAL A 14 20.42 -20.42 2.89
CA VAL A 14 21.41 -19.40 3.21
C VAL A 14 22.42 -19.19 2.08
N GLU A 15 22.46 -20.11 1.13
CA GLU A 15 23.39 -20.00 0.01
C GLU A 15 22.85 -19.00 -1.03
N HIS A 16 21.63 -18.52 -0.81
CA HIS A 16 21.03 -17.54 -1.71
C HIS A 16 20.71 -16.23 -0.99
N PHE A 17 20.31 -16.33 0.29
CA PHE A 17 19.92 -15.14 1.04
C PHE A 17 20.74 -14.82 2.27
N GLY A 18 21.77 -15.61 2.53
CA GLY A 18 22.63 -15.36 3.67
C GLY A 18 22.02 -15.73 5.01
N THR A 19 22.53 -15.13 6.08
CA THR A 19 22.02 -15.42 7.41
C THR A 19 21.65 -14.14 8.18
N VAL A 20 22.59 -13.21 8.26
CA VAL A 20 22.37 -11.96 8.99
C VAL A 20 22.52 -10.77 8.05
N GLY A 21 21.41 -10.09 7.77
CA GLY A 21 21.45 -8.95 6.87
C GLY A 21 20.41 -7.90 7.22
N VAL A 22 20.41 -6.82 6.44
CA VAL A 22 19.45 -5.74 6.68
C VAL A 22 18.87 -5.24 5.36
N ALA A 23 17.69 -4.64 5.45
CA ALA A 23 17.05 -4.05 4.29
C ALA A 23 17.74 -2.69 4.31
N MET A 24 18.84 -2.57 3.56
CA MET A 24 19.64 -1.35 3.53
C MET A 24 18.96 -0.06 3.08
N VAL A 25 19.31 1.03 3.72
CA VAL A 25 18.76 2.33 3.35
C VAL A 25 19.34 2.71 2.00
N THR A 26 18.71 3.69 1.35
CA THR A 26 19.18 4.21 0.07
C THR A 26 19.59 5.65 0.39
N PRO A 27 20.89 5.88 0.58
CA PRO A 27 21.41 7.22 0.89
C PRO A 27 21.05 8.30 -0.12
N PHE A 28 20.72 9.47 0.39
CA PHE A 28 20.38 10.61 -0.44
C PHE A 28 21.26 11.78 0.00
N THR A 29 21.57 12.66 -0.95
CA THR A 29 22.38 13.84 -0.69
C THR A 29 21.46 14.86 -0.02
N GLU A 30 22.02 16.00 0.40
CA GLU A 30 21.21 17.03 1.06
C GLU A 30 20.00 17.45 0.24
N SER A 31 20.11 17.39 -1.08
CA SER A 31 19.00 17.80 -1.94
C SER A 31 18.07 16.69 -2.41
N GLY A 32 18.16 15.53 -1.78
CA GLY A 32 17.28 14.43 -2.15
C GLY A 32 17.73 13.52 -3.27
N ASP A 33 18.90 13.78 -3.86
CA ASP A 33 19.39 12.93 -4.93
C ASP A 33 20.05 11.67 -4.38
N ILE A 34 20.01 10.59 -5.14
CA ILE A 34 20.63 9.36 -4.67
C ILE A 34 22.14 9.57 -4.54
N ASP A 35 22.72 9.00 -3.49
CA ASP A 35 24.15 9.14 -3.24
C ASP A 35 24.80 7.76 -3.30
N ILE A 36 25.18 7.37 -4.52
CA ILE A 36 25.81 6.07 -4.77
C ILE A 36 27.05 5.80 -3.94
N ALA A 37 27.87 6.83 -3.74
CA ALA A 37 29.09 6.68 -2.98
C ALA A 37 28.80 6.28 -1.53
N ALA A 38 27.86 6.96 -0.90
CA ALA A 38 27.50 6.66 0.48
C ALA A 38 26.85 5.27 0.55
N GLY A 39 26.18 4.88 -0.53
CA GLY A 39 25.55 3.57 -0.55
C GLY A 39 26.59 2.47 -0.50
N ARG A 40 27.66 2.65 -1.26
CA ARG A 40 28.74 1.67 -1.30
C ARG A 40 29.49 1.68 0.03
N GLU A 41 29.58 2.87 0.62
CA GLU A 41 30.27 3.04 1.89
C GLU A 41 29.53 2.30 3.00
N VAL A 42 28.21 2.51 3.05
CA VAL A 42 27.37 1.87 4.05
C VAL A 42 27.37 0.35 3.91
N ALA A 43 27.30 -0.13 2.68
CA ALA A 43 27.28 -1.56 2.43
C ALA A 43 28.59 -2.22 2.89
N ALA A 44 29.72 -1.62 2.56
CA ALA A 44 31.00 -2.17 2.98
C ALA A 44 31.09 -2.10 4.51
N TYR A 45 30.60 -1.01 5.07
CA TYR A 45 30.59 -0.82 6.51
C TYR A 45 29.82 -1.95 7.21
N LEU A 46 28.58 -2.15 6.80
CA LEU A 46 27.71 -3.17 7.38
C LEU A 46 28.27 -4.59 7.27
N VAL A 47 28.77 -4.93 6.08
CA VAL A 47 29.33 -6.25 5.85
C VAL A 47 30.58 -6.45 6.71
N ASP A 48 31.46 -5.46 6.74
CA ASP A 48 32.66 -5.56 7.57
C ASP A 48 32.25 -5.76 9.02
N LYS A 49 31.08 -5.25 9.38
CA LYS A 49 30.56 -5.37 10.76
C LYS A 49 30.00 -6.76 11.06
N GLY A 50 29.78 -7.56 10.02
CA GLY A 50 29.25 -8.90 10.27
C GLY A 50 28.08 -9.32 9.42
N LEU A 51 27.45 -8.39 8.70
CA LEU A 51 26.32 -8.76 7.86
C LEU A 51 26.83 -9.52 6.66
N ASP A 52 26.08 -10.54 6.23
CA ASP A 52 26.46 -11.32 5.07
C ASP A 52 25.35 -11.29 4.03
N SER A 53 24.45 -10.31 4.17
CA SER A 53 23.34 -10.18 3.24
C SER A 53 22.80 -8.76 3.25
N LEU A 54 22.33 -8.30 2.09
CA LEU A 54 21.77 -6.96 2.00
C LEU A 54 20.60 -6.93 1.05
N VAL A 55 19.47 -6.41 1.51
CA VAL A 55 18.32 -6.26 0.63
C VAL A 55 18.33 -4.83 0.15
N LEU A 56 18.39 -4.66 -1.17
CA LEU A 56 18.42 -3.33 -1.76
C LEU A 56 17.05 -3.05 -2.37
N ALA A 57 16.57 -1.83 -2.17
CA ALA A 57 15.25 -1.43 -2.68
C ALA A 57 14.10 -2.10 -1.93
N GLY A 58 14.30 -2.33 -0.64
CA GLY A 58 13.25 -2.90 0.17
C GLY A 58 12.48 -1.73 0.76
N THR A 59 11.61 -1.99 1.73
CA THR A 59 10.83 -0.93 2.36
C THR A 59 11.74 0.12 2.96
N THR A 60 12.69 -0.34 3.76
CA THR A 60 13.67 0.51 4.42
C THR A 60 14.55 1.22 3.39
N GLY A 61 14.64 0.65 2.19
CA GLY A 61 15.44 1.24 1.13
C GLY A 61 14.63 2.28 0.36
N GLU A 62 13.45 2.60 0.90
CA GLU A 62 12.58 3.60 0.29
C GLU A 62 12.16 3.33 -1.14
N SER A 63 11.75 2.08 -1.41
CA SER A 63 11.33 1.69 -2.75
C SER A 63 10.18 2.51 -3.33
N PRO A 64 9.34 3.12 -2.46
CA PRO A 64 8.23 3.91 -3.02
C PRO A 64 8.63 5.26 -3.65
N THR A 65 9.70 5.87 -3.14
CA THR A 65 10.13 7.18 -3.65
C THR A 65 11.36 7.18 -4.57
N THR A 66 11.87 6.00 -4.92
CA THR A 66 13.02 5.91 -5.82
C THR A 66 12.55 5.37 -7.17
N THR A 67 13.23 5.81 -8.24
CA THR A 67 12.88 5.36 -9.58
C THR A 67 13.51 4.00 -9.87
N ALA A 68 13.04 3.35 -10.92
CA ALA A 68 13.58 2.05 -11.30
C ALA A 68 15.07 2.17 -11.60
N ALA A 69 15.47 3.28 -12.20
CA ALA A 69 16.89 3.50 -12.53
C ALA A 69 17.75 3.67 -11.28
N GLU A 70 17.25 4.42 -10.31
CA GLU A 70 17.98 4.63 -9.08
C GLU A 70 18.21 3.28 -8.40
N LYS A 71 17.20 2.41 -8.45
CA LYS A 71 17.30 1.09 -7.83
C LYS A 71 18.41 0.28 -8.50
N LEU A 72 18.31 0.12 -9.82
CA LEU A 72 19.29 -0.65 -10.58
C LEU A 72 20.69 -0.10 -10.32
N GLU A 73 20.76 1.21 -10.22
CA GLU A 73 22.02 1.90 -9.98
C GLU A 73 22.64 1.50 -8.66
N LEU A 74 21.85 1.58 -7.59
CA LEU A 74 22.34 1.21 -6.27
C LEU A 74 22.77 -0.25 -6.28
N LEU A 75 21.95 -1.09 -6.89
CA LEU A 75 22.24 -2.52 -6.96
C LEU A 75 23.59 -2.80 -7.60
N LYS A 76 23.80 -2.26 -8.80
CA LYS A 76 25.06 -2.48 -9.51
C LYS A 76 26.24 -1.91 -8.73
N ALA A 77 26.02 -0.77 -8.07
CA ALA A 77 27.08 -0.14 -7.29
C ALA A 77 27.47 -0.98 -6.06
N VAL A 78 26.47 -1.47 -5.32
CA VAL A 78 26.76 -2.25 -4.14
C VAL A 78 27.43 -3.58 -4.51
N ARG A 79 26.98 -4.16 -5.62
CA ARG A 79 27.52 -5.42 -6.10
C ARG A 79 29.02 -5.27 -6.33
N GLU A 80 29.41 -4.16 -6.96
CA GLU A 80 30.82 -3.90 -7.23
C GLU A 80 31.58 -3.74 -5.93
N GLU A 81 30.91 -3.21 -4.92
CA GLU A 81 31.53 -2.98 -3.62
C GLU A 81 31.66 -4.23 -2.75
N VAL A 82 30.54 -4.87 -2.45
CA VAL A 82 30.54 -6.05 -1.58
C VAL A 82 30.00 -7.33 -2.20
N GLY A 83 30.00 -7.42 -3.52
CA GLY A 83 29.48 -8.60 -4.18
C GLY A 83 30.23 -9.89 -3.89
N ASP A 84 31.53 -9.79 -3.68
CA ASP A 84 32.35 -10.97 -3.41
C ASP A 84 32.26 -11.50 -1.99
N ARG A 85 31.46 -10.87 -1.13
CA ARG A 85 31.35 -11.37 0.24
C ARG A 85 29.99 -11.18 0.92
N ALA A 86 28.95 -10.93 0.15
CA ALA A 86 27.61 -10.78 0.70
C ALA A 86 26.54 -11.09 -0.33
N LYS A 87 25.44 -11.67 0.12
CA LYS A 87 24.34 -11.99 -0.78
C LYS A 87 23.55 -10.69 -1.00
N LEU A 88 23.29 -10.35 -2.26
CA LEU A 88 22.55 -9.14 -2.58
C LEU A 88 21.15 -9.50 -3.05
N ILE A 89 20.17 -9.07 -2.29
CA ILE A 89 18.77 -9.39 -2.56
C ILE A 89 18.03 -8.14 -3.05
N ALA A 90 17.43 -8.23 -4.23
CA ALA A 90 16.74 -7.09 -4.81
C ALA A 90 15.22 -7.06 -4.63
N GLY A 91 14.72 -5.95 -4.06
CA GLY A 91 13.30 -5.81 -3.86
C GLY A 91 12.74 -5.46 -5.22
N VAL A 92 11.84 -6.29 -5.74
CA VAL A 92 11.27 -6.04 -7.06
C VAL A 92 9.75 -6.06 -7.10
N GLY A 93 9.12 -6.44 -5.99
CA GLY A 93 7.68 -6.49 -5.97
C GLY A 93 6.99 -5.15 -5.83
N THR A 94 5.90 -4.98 -6.57
CA THR A 94 5.10 -3.76 -6.54
C THR A 94 3.68 -4.29 -6.48
N ASN A 95 2.68 -3.43 -6.68
CA ASN A 95 1.30 -3.92 -6.69
C ASN A 95 0.81 -3.95 -8.15
N ASN A 96 1.75 -4.04 -9.07
CA ASN A 96 1.44 -4.12 -10.50
C ASN A 96 2.28 -5.28 -11.02
N THR A 97 1.64 -6.34 -11.48
CA THR A 97 2.37 -7.51 -11.94
C THR A 97 3.35 -7.22 -13.08
N ARG A 98 2.96 -6.36 -14.02
CA ARG A 98 3.82 -6.00 -15.14
C ARG A 98 5.12 -5.33 -14.69
N THR A 99 5.01 -4.30 -13.85
CA THR A 99 6.20 -3.61 -13.37
C THR A 99 7.01 -4.50 -12.44
N SER A 100 6.34 -5.40 -11.73
CA SER A 100 7.04 -6.31 -10.82
C SER A 100 7.94 -7.22 -11.67
N VAL A 101 7.41 -7.63 -12.83
CA VAL A 101 8.16 -8.49 -13.74
C VAL A 101 9.35 -7.72 -14.31
N GLU A 102 9.13 -6.47 -14.70
CA GLU A 102 10.16 -5.60 -15.25
C GLU A 102 11.33 -5.43 -14.27
N LEU A 103 10.98 -5.16 -13.02
CA LEU A 103 11.96 -4.96 -11.96
C LEU A 103 12.78 -6.22 -11.68
N ALA A 104 12.13 -7.38 -11.75
CA ALA A 104 12.78 -8.66 -11.49
C ALA A 104 13.76 -9.05 -12.60
N GLU A 105 13.42 -8.71 -13.85
CA GLU A 105 14.30 -9.02 -14.96
C GLU A 105 15.53 -8.12 -14.91
N ALA A 106 15.31 -6.85 -14.60
CA ALA A 106 16.41 -5.89 -14.50
C ALA A 106 17.37 -6.30 -13.41
N ALA A 107 16.83 -6.81 -12.30
CA ALA A 107 17.65 -7.22 -11.17
C ALA A 107 18.43 -8.48 -11.50
N ALA A 108 17.80 -9.39 -12.23
CA ALA A 108 18.45 -10.64 -12.63
C ALA A 108 19.68 -10.31 -13.47
N SER A 109 19.48 -9.52 -14.52
CA SER A 109 20.58 -9.13 -15.39
C SER A 109 21.68 -8.42 -14.62
N ALA A 110 21.33 -7.77 -13.52
CA ALA A 110 22.32 -7.06 -12.72
C ALA A 110 23.13 -8.01 -11.84
N GLY A 111 22.73 -9.27 -11.78
CA GLY A 111 23.46 -10.24 -10.99
C GLY A 111 22.98 -10.44 -9.57
N ALA A 112 21.70 -10.16 -9.31
CA ALA A 112 21.15 -10.31 -7.98
C ALA A 112 21.18 -11.76 -7.52
N ASP A 113 21.55 -11.98 -6.27
CA ASP A 113 21.61 -13.32 -5.70
C ASP A 113 20.22 -13.83 -5.35
N GLY A 114 19.31 -12.89 -5.07
CA GLY A 114 17.95 -13.24 -4.73
C GLY A 114 17.01 -12.08 -5.01
N LEU A 115 15.71 -12.34 -4.89
CA LEU A 115 14.69 -11.32 -5.14
C LEU A 115 13.71 -11.29 -3.99
N LEU A 116 13.39 -10.09 -3.52
CA LEU A 116 12.41 -9.95 -2.44
C LEU A 116 11.15 -9.48 -3.15
N VAL A 117 10.06 -10.22 -2.97
CA VAL A 117 8.81 -9.86 -3.62
C VAL A 117 7.72 -9.72 -2.58
N VAL A 118 7.43 -8.48 -2.21
CA VAL A 118 6.40 -8.20 -1.22
C VAL A 118 5.02 -8.55 -1.74
N THR A 119 4.10 -8.81 -0.82
CA THR A 119 2.72 -9.10 -1.20
C THR A 119 2.17 -7.80 -1.75
N PRO A 120 1.50 -7.85 -2.91
CA PRO A 120 0.94 -6.62 -3.49
C PRO A 120 0.18 -5.82 -2.42
N TYR A 121 0.52 -4.54 -2.30
CA TYR A 121 -0.09 -3.65 -1.29
C TYR A 121 -1.22 -2.78 -1.83
N TYR A 122 -1.99 -2.23 -0.92
CA TYR A 122 -3.09 -1.31 -1.24
C TYR A 122 -4.32 -1.83 -2.00
N SER A 123 -4.12 -2.50 -3.12
CA SER A 123 -5.25 -2.99 -3.93
C SER A 123 -5.97 -4.21 -3.37
N LYS A 124 -5.31 -4.94 -2.48
CA LYS A 124 -5.88 -6.12 -1.84
C LYS A 124 -6.43 -7.16 -2.81
N PRO A 125 -5.54 -7.80 -3.57
CA PRO A 125 -5.98 -8.83 -4.52
C PRO A 125 -6.37 -10.09 -3.76
N SER A 126 -7.05 -11.01 -4.43
CA SER A 126 -7.46 -12.26 -3.81
C SER A 126 -6.25 -13.17 -3.77
N GLN A 127 -6.34 -14.26 -3.03
CA GLN A 127 -5.22 -15.21 -2.94
C GLN A 127 -4.97 -15.82 -4.33
N GLU A 128 -6.03 -15.97 -5.12
CA GLU A 128 -5.87 -16.50 -6.47
C GLU A 128 -5.02 -15.49 -7.25
N GLY A 129 -5.26 -14.21 -6.99
CA GLY A 129 -4.50 -13.17 -7.65
C GLY A 129 -3.05 -13.25 -7.26
N LEU A 130 -2.79 -13.64 -6.02
CA LEU A 130 -1.42 -13.77 -5.52
C LEU A 130 -0.67 -14.88 -6.23
N LEU A 131 -1.35 -16.00 -6.46
CA LEU A 131 -0.73 -17.13 -7.16
C LEU A 131 -0.38 -16.72 -8.59
N ALA A 132 -1.25 -15.95 -9.22
CA ALA A 132 -1.00 -15.49 -10.60
C ALA A 132 0.11 -14.45 -10.63
N HIS A 133 0.12 -13.56 -9.64
CA HIS A 133 1.11 -12.49 -9.53
C HIS A 133 2.51 -13.08 -9.31
N PHE A 134 2.68 -13.78 -8.19
CA PHE A 134 3.94 -14.41 -7.87
C PHE A 134 4.32 -15.41 -8.95
N GLY A 135 3.32 -16.10 -9.51
CA GLY A 135 3.59 -17.07 -10.55
C GLY A 135 4.30 -16.42 -11.73
N ALA A 136 3.73 -15.33 -12.22
CA ALA A 136 4.33 -14.63 -13.36
C ALA A 136 5.75 -14.18 -13.06
N ILE A 137 5.98 -13.63 -11.87
CA ILE A 137 7.30 -13.16 -11.50
C ILE A 137 8.32 -14.31 -11.45
N ALA A 138 7.96 -15.40 -10.78
CA ALA A 138 8.85 -16.55 -10.66
C ALA A 138 9.19 -17.17 -12.02
N ALA A 139 8.31 -17.00 -12.99
CA ALA A 139 8.55 -17.56 -14.31
C ALA A 139 9.44 -16.68 -15.18
N ALA A 140 9.54 -15.41 -14.84
CA ALA A 140 10.34 -14.45 -15.60
C ALA A 140 11.87 -14.62 -15.50
N THR A 141 12.37 -15.11 -14.36
CA THR A 141 13.81 -15.29 -14.21
C THR A 141 14.11 -16.55 -13.43
N GLU A 142 15.40 -16.87 -13.30
CA GLU A 142 15.83 -18.06 -12.55
C GLU A 142 16.37 -17.69 -11.18
N VAL A 143 16.26 -16.41 -10.83
CA VAL A 143 16.77 -15.94 -9.54
C VAL A 143 15.90 -16.40 -8.37
N PRO A 144 16.53 -16.89 -7.29
CA PRO A 144 15.77 -17.35 -6.12
C PRO A 144 14.88 -16.21 -5.61
N ILE A 145 13.67 -16.55 -5.18
CA ILE A 145 12.75 -15.56 -4.67
C ILE A 145 12.41 -15.75 -3.19
N CYS A 146 12.35 -14.63 -2.48
CA CYS A 146 12.00 -14.65 -1.07
C CYS A 146 10.69 -13.86 -0.98
N LEU A 147 9.61 -14.53 -0.58
CA LEU A 147 8.32 -13.87 -0.46
C LEU A 147 8.39 -12.97 0.76
N TYR A 148 7.67 -11.86 0.72
CA TYR A 148 7.67 -10.92 1.84
C TYR A 148 6.23 -10.80 2.34
N ASP A 149 5.94 -11.48 3.45
CA ASP A 149 4.61 -11.51 4.06
C ASP A 149 4.51 -10.42 5.13
N ILE A 150 3.71 -9.39 4.88
CA ILE A 150 3.55 -8.30 5.84
C ILE A 150 2.22 -7.57 5.65
N PRO A 151 1.12 -8.20 6.08
CA PRO A 151 -0.23 -7.64 5.97
C PRO A 151 -0.34 -6.25 6.59
N GLY A 152 0.51 -5.96 7.59
CA GLY A 152 0.48 -4.65 8.22
C GLY A 152 0.80 -3.48 7.30
N ARG A 153 1.48 -3.75 6.19
CA ARG A 153 1.83 -2.69 5.24
C ARG A 153 1.03 -2.83 3.94
N SER A 154 0.84 -4.07 3.51
CA SER A 154 0.13 -4.36 2.27
C SER A 154 -1.39 -4.42 2.34
N GLY A 155 -1.94 -4.79 3.50
CA GLY A 155 -3.38 -4.88 3.65
C GLY A 155 -3.94 -6.30 3.65
N ILE A 156 -3.19 -7.23 3.07
CA ILE A 156 -3.57 -8.63 3.02
C ILE A 156 -2.38 -9.50 3.34
N PRO A 157 -2.63 -10.73 3.83
CA PRO A 157 -1.54 -11.63 4.16
C PRO A 157 -1.43 -12.70 3.09
N ILE A 158 -0.37 -13.49 3.16
CA ILE A 158 -0.22 -14.61 2.26
C ILE A 158 -0.73 -15.75 3.12
N GLU A 159 -1.96 -16.18 2.87
CA GLU A 159 -2.56 -17.26 3.66
C GLU A 159 -1.74 -18.55 3.56
N SER A 160 -1.89 -19.40 4.56
CA SER A 160 -1.16 -20.66 4.63
C SER A 160 -1.31 -21.57 3.40
N ASP A 161 -2.54 -21.75 2.92
CA ASP A 161 -2.74 -22.60 1.75
C ASP A 161 -2.04 -22.00 0.56
N THR A 162 -2.13 -20.68 0.44
CA THR A 162 -1.50 -19.98 -0.67
C THR A 162 0.00 -20.17 -0.59
N MET A 163 0.55 -20.10 0.61
CA MET A 163 1.98 -20.26 0.81
C MET A 163 2.41 -21.65 0.38
N ARG A 164 1.59 -22.65 0.71
CA ARG A 164 1.92 -24.02 0.34
C ARG A 164 1.96 -24.21 -1.18
N ARG A 165 1.05 -23.57 -1.90
CA ARG A 165 1.02 -23.70 -3.36
C ARG A 165 2.27 -23.05 -3.95
N LEU A 166 2.58 -21.85 -3.49
CA LEU A 166 3.73 -21.11 -3.98
C LEU A 166 5.07 -21.83 -3.71
N SER A 167 5.14 -22.60 -2.64
CA SER A 167 6.38 -23.30 -2.32
C SER A 167 6.70 -24.38 -3.36
N GLU A 168 5.74 -24.66 -4.24
CA GLU A 168 5.91 -25.66 -5.29
C GLU A 168 6.69 -25.11 -6.49
N LEU A 169 6.67 -23.79 -6.67
CA LEU A 169 7.41 -23.18 -7.77
C LEU A 169 8.90 -23.36 -7.47
N PRO A 170 9.67 -23.86 -8.45
CA PRO A 170 11.11 -24.08 -8.26
C PRO A 170 11.97 -22.90 -7.78
N THR A 171 11.63 -21.67 -8.14
CA THR A 171 12.46 -20.55 -7.68
C THR A 171 11.99 -19.88 -6.37
N ILE A 172 10.84 -20.27 -5.86
CA ILE A 172 10.37 -19.68 -4.61
C ILE A 172 11.01 -20.50 -3.49
N LEU A 173 11.98 -19.89 -2.81
CA LEU A 173 12.74 -20.60 -1.77
C LEU A 173 12.76 -20.02 -0.36
N ALA A 174 12.12 -18.87 -0.15
CA ALA A 174 12.15 -18.30 1.19
C ALA A 174 11.03 -17.31 1.44
N VAL A 175 10.85 -16.97 2.72
CA VAL A 175 9.84 -16.04 3.17
C VAL A 175 10.53 -15.09 4.15
N KPI A 176 10.43 -13.77 3.91
CA KPI A 176 10.67 -12.79 4.95
CB KPI A 176 11.18 -11.46 4.35
CG KPI A 176 11.46 -10.34 5.38
CD KPI A 176 11.94 -9.06 4.70
CE KPI A 176 12.20 -7.99 5.76
NZ KPI A 176 12.13 -6.69 5.05
CX1 KPI A 176 12.35 -5.48 5.44
C1 KPI A 176 12.76 -5.24 6.88
CX2 KPI A 176 12.20 -4.35 4.47
O1 KPI A 176 12.42 -3.16 4.89
O2 KPI A 176 11.86 -4.59 3.27
C KPI A 176 9.35 -12.64 5.70
O KPI A 176 8.33 -12.23 5.11
N ASP A 177 9.35 -13.02 6.98
CA ASP A 177 8.11 -12.97 7.73
C ASP A 177 7.96 -11.76 8.64
N ALA A 178 7.03 -10.89 8.28
CA ALA A 178 6.74 -9.70 9.07
C ALA A 178 5.28 -9.78 9.53
N LYS A 179 4.73 -10.99 9.50
CA LYS A 179 3.35 -11.23 9.91
C LYS A 179 3.28 -11.69 11.36
N GLY A 180 4.25 -12.51 11.76
CA GLY A 180 4.27 -12.96 13.14
C GLY A 180 3.23 -13.99 13.55
N ASP A 181 2.64 -14.70 12.60
CA ASP A 181 1.66 -15.73 12.95
C ASP A 181 2.48 -16.98 13.24
N LEU A 182 2.93 -17.12 14.49
CA LEU A 182 3.75 -18.24 14.90
C LEU A 182 3.06 -19.60 14.79
N VAL A 183 1.74 -19.63 14.97
CA VAL A 183 1.00 -20.88 14.89
C VAL A 183 1.10 -21.46 13.49
N ALA A 184 0.75 -20.66 12.49
CA ALA A 184 0.78 -21.10 11.10
C ALA A 184 2.19 -21.38 10.57
N ALA A 185 3.12 -20.48 10.89
CA ALA A 185 4.49 -20.61 10.42
C ALA A 185 5.23 -21.81 10.99
N THR A 186 4.97 -22.16 12.24
CA THR A 186 5.64 -23.31 12.85
C THR A 186 5.46 -24.55 11.98
N SER A 187 4.27 -24.71 11.41
CA SER A 187 3.99 -25.86 10.56
C SER A 187 4.47 -25.68 9.12
N LEU A 188 4.31 -24.47 8.58
CA LEU A 188 4.75 -24.19 7.21
C LEU A 188 6.25 -24.40 7.05
N ILE A 189 7.02 -23.98 8.05
CA ILE A 189 8.47 -24.14 8.00
C ILE A 189 8.83 -25.60 7.77
N LYS A 190 8.12 -26.49 8.47
CA LYS A 190 8.37 -27.91 8.33
C LYS A 190 7.79 -28.49 7.05
N GLU A 191 6.59 -28.03 6.65
CA GLU A 191 5.92 -28.53 5.45
C GLU A 191 6.50 -28.09 4.11
N THR A 192 6.49 -26.79 3.86
CA THR A 192 6.97 -26.21 2.60
C THR A 192 8.45 -26.30 2.26
N GLY A 193 9.30 -26.49 3.27
CA GLY A 193 10.73 -26.57 2.99
C GLY A 193 11.31 -25.20 2.66
N LEU A 194 10.50 -24.15 2.83
CA LEU A 194 10.94 -22.79 2.57
C LEU A 194 11.80 -22.26 3.70
N ALA A 195 12.82 -21.47 3.36
CA ALA A 195 13.67 -20.88 4.36
C ALA A 195 12.91 -19.69 4.93
N TRP A 196 12.78 -19.62 6.24
CA TRP A 196 12.07 -18.51 6.85
C TRP A 196 13.02 -17.51 7.51
N TYR A 197 12.85 -16.24 7.16
CA TYR A 197 13.66 -15.16 7.67
C TYR A 197 12.83 -14.19 8.49
N SER A 198 13.38 -13.77 9.62
CA SER A 198 12.68 -12.83 10.48
C SER A 198 12.61 -11.47 9.80
N GLY A 199 11.39 -10.96 9.67
CA GLY A 199 11.19 -9.67 9.05
C GLY A 199 10.73 -8.66 10.10
N ASP A 200 10.96 -8.99 11.37
CA ASP A 200 10.58 -8.10 12.46
C ASP A 200 11.58 -8.30 13.59
N ASP A 201 12.45 -7.31 13.78
CA ASP A 201 13.50 -7.39 14.78
C ASP A 201 13.18 -7.98 16.15
N PRO A 202 12.02 -7.65 16.74
CA PRO A 202 11.74 -8.23 18.06
C PRO A 202 11.51 -9.75 18.02
N LEU A 203 11.40 -10.32 16.82
CA LEU A 203 11.19 -11.75 16.69
C LEU A 203 12.41 -12.47 16.10
N ASN A 204 13.53 -11.76 15.95
CA ASN A 204 14.73 -12.39 15.38
C ASN A 204 15.08 -13.69 16.10
N LEU A 205 15.25 -13.62 17.42
CA LEU A 205 15.59 -14.79 18.22
C LEU A 205 14.44 -15.82 18.20
N VAL A 206 13.21 -15.32 18.25
CA VAL A 206 12.03 -16.17 18.24
C VAL A 206 11.99 -17.06 16.98
N TRP A 207 12.28 -16.47 15.83
CA TRP A 207 12.27 -17.24 14.59
C TRP A 207 13.38 -18.27 14.51
N LEU A 208 14.53 -17.98 15.10
CA LEU A 208 15.61 -18.97 15.07
C LEU A 208 15.18 -20.20 15.88
N ALA A 209 14.55 -19.94 17.02
CA ALA A 209 14.09 -21.03 17.89
C ALA A 209 13.06 -21.92 17.18
N LEU A 210 12.29 -21.34 16.27
CA LEU A 210 11.26 -22.10 15.55
C LEU A 210 11.78 -22.71 14.27
N GLY A 211 13.07 -22.56 14.00
CA GLY A 211 13.65 -23.13 12.79
C GLY A 211 13.98 -22.14 11.68
N GLY A 212 14.09 -20.86 12.03
CA GLY A 212 14.41 -19.84 11.04
C GLY A 212 15.84 -19.93 10.56
N SER A 213 16.13 -19.30 9.42
CA SER A 213 17.48 -19.34 8.85
C SER A 213 18.28 -18.06 9.09
N GLY A 214 17.62 -17.01 9.58
CA GLY A 214 18.32 -15.77 9.84
C GLY A 214 17.41 -14.56 9.83
N PHE A 215 17.98 -13.38 9.66
CA PHE A 215 17.15 -12.19 9.63
C PHE A 215 17.47 -11.17 8.54
N ILE A 216 16.48 -10.33 8.27
CA ILE A 216 16.57 -9.25 7.31
C ILE A 216 16.04 -8.11 8.18
N SER A 217 16.96 -7.55 8.95
CA SER A 217 16.72 -6.52 9.94
C SER A 217 16.64 -5.05 9.53
N VAL A 218 16.22 -4.23 10.49
CA VAL A 218 16.15 -2.79 10.31
C VAL A 218 17.16 -2.20 11.28
N ILE A 219 17.03 -2.55 12.55
CA ILE A 219 17.93 -2.03 13.57
C ILE A 219 19.36 -2.49 13.32
N GLY A 220 19.52 -3.49 12.47
CA GLY A 220 20.84 -3.99 12.13
C GLY A 220 21.75 -2.88 11.61
N HIS A 221 21.15 -1.81 11.11
CA HIS A 221 21.93 -0.68 10.61
C HIS A 221 22.72 -0.07 11.76
N ALA A 222 22.11 -0.04 12.93
CA ALA A 222 22.72 0.57 14.12
C ALA A 222 23.50 -0.38 15.02
N ALA A 223 23.22 -1.67 14.92
CA ALA A 223 23.91 -2.66 15.74
C ALA A 223 24.21 -3.93 14.95
N PRO A 224 24.88 -3.78 13.79
CA PRO A 224 25.21 -4.92 12.94
C PRO A 224 26.00 -6.03 13.65
N THR A 225 27.05 -5.66 14.39
CA THR A 225 27.86 -6.66 15.10
C THR A 225 27.02 -7.43 16.12
N ALA A 226 26.17 -6.71 16.84
CA ALA A 226 25.31 -7.34 17.85
C ALA A 226 24.40 -8.38 17.20
N LEU A 227 23.76 -8.02 16.10
CA LEU A 227 22.87 -8.94 15.40
C LEU A 227 23.59 -10.22 14.99
N ARG A 228 24.82 -10.06 14.48
CA ARG A 228 25.62 -11.20 14.07
C ARG A 228 25.86 -12.08 15.29
N GLU A 229 26.15 -11.43 16.42
CA GLU A 229 26.40 -12.14 17.66
C GLU A 229 25.14 -12.88 18.15
N LEU A 230 23.97 -12.29 17.92
CA LEU A 230 22.72 -12.91 18.33
C LEU A 230 22.66 -14.24 17.60
N TYR A 231 22.88 -14.19 16.29
CA TYR A 231 22.86 -15.36 15.45
C TYR A 231 23.89 -16.41 15.89
N THR A 232 25.16 -16.03 15.96
CA THR A 232 26.20 -16.98 16.36
C THR A 232 25.93 -17.59 17.72
N SER A 233 25.47 -16.77 18.66
CA SER A 233 25.17 -17.26 20.01
C SER A 233 24.18 -18.41 19.95
N PHE A 234 23.09 -18.22 19.21
CA PHE A 234 22.08 -19.25 19.09
C PHE A 234 22.72 -20.46 18.41
N GLU A 235 23.44 -20.20 17.33
CA GLU A 235 24.11 -21.24 16.56
C GLU A 235 25.00 -22.15 17.40
N GLU A 236 25.72 -21.55 18.35
CA GLU A 236 26.64 -22.27 19.21
C GLU A 236 25.99 -22.82 20.48
N GLY A 237 24.70 -22.53 20.66
CA GLY A 237 24.00 -23.04 21.81
C GLY A 237 24.09 -22.15 23.04
N ASP A 238 24.67 -20.96 22.89
CA ASP A 238 24.76 -20.05 24.02
C ASP A 238 23.46 -19.24 24.07
N LEU A 239 22.37 -19.89 24.48
CA LEU A 239 21.07 -19.23 24.53
C LEU A 239 20.97 -18.10 25.53
N VAL A 240 21.64 -18.21 26.67
CA VAL A 240 21.59 -17.14 27.66
C VAL A 240 22.13 -15.86 27.01
N ARG A 241 23.21 -16.02 26.27
CA ARG A 241 23.85 -14.90 25.58
C ARG A 241 22.89 -14.31 24.55
N ALA A 242 22.20 -15.19 23.83
CA ALA A 242 21.27 -14.76 22.81
C ALA A 242 20.16 -13.88 23.36
N ARG A 243 19.50 -14.31 24.43
CA ARG A 243 18.43 -13.50 24.98
C ARG A 243 18.90 -12.23 25.68
N GLU A 244 20.17 -12.21 26.12
CA GLU A 244 20.72 -11.02 26.76
C GLU A 244 20.96 -9.95 25.68
N ILE A 245 21.43 -10.40 24.52
CA ILE A 245 21.69 -9.50 23.39
C ILE A 245 20.35 -8.98 22.86
N ASN A 246 19.40 -9.89 22.71
CA ASN A 246 18.07 -9.56 22.21
C ASN A 246 17.42 -8.49 23.08
N ALA A 247 17.41 -8.72 24.39
CA ALA A 247 16.82 -7.77 25.33
C ALA A 247 17.59 -6.47 25.30
N LYS A 248 18.92 -6.58 25.18
CA LYS A 248 19.77 -5.40 25.15
C LYS A 248 19.37 -4.43 24.03
N LEU A 249 19.06 -4.97 22.86
CA LEU A 249 18.68 -4.17 21.70
C LEU A 249 17.24 -3.65 21.69
N SER A 250 16.47 -4.00 22.71
CA SER A 250 15.07 -3.58 22.78
C SER A 250 14.79 -2.11 22.52
N PRO A 251 15.59 -1.21 23.12
CA PRO A 251 15.36 0.23 22.91
C PRO A 251 15.32 0.61 21.42
N LEU A 252 16.10 -0.07 20.60
CA LEU A 252 16.11 0.22 19.18
C LEU A 252 14.74 -0.13 18.61
N VAL A 253 14.20 -1.26 19.05
CA VAL A 253 12.88 -1.70 18.61
C VAL A 253 11.83 -0.64 18.98
N ALA A 254 11.90 -0.14 20.22
CA ALA A 254 10.96 0.89 20.66
C ALA A 254 11.08 2.11 19.75
N ALA A 255 12.31 2.54 19.47
CA ALA A 255 12.53 3.69 18.60
C ALA A 255 11.99 3.43 17.19
N GLN A 256 12.20 2.22 16.69
CA GLN A 256 11.70 1.90 15.35
C GLN A 256 10.18 2.05 15.41
N GLY A 257 9.60 1.62 16.51
CA GLY A 257 8.17 1.71 16.67
C GLY A 257 7.66 3.14 16.68
N ARG A 258 8.43 4.06 17.27
CA ARG A 258 7.99 5.44 17.30
C ARG A 258 8.31 6.16 15.97
N LEU A 259 9.46 5.85 15.38
CA LEU A 259 9.88 6.53 14.16
C LEU A 259 9.66 5.86 12.80
N GLY A 260 9.59 4.54 12.77
CA GLY A 260 9.44 3.85 11.50
C GLY A 260 10.85 3.46 11.06
N GLY A 261 10.98 2.35 10.36
CA GLY A 261 12.27 1.86 9.91
C GLY A 261 13.18 2.82 9.14
N VAL A 262 12.63 3.54 8.17
CA VAL A 262 13.43 4.46 7.37
C VAL A 262 14.04 5.58 8.19
N SER A 263 13.19 6.39 8.83
CA SER A 263 13.64 7.50 9.65
C SER A 263 14.64 7.06 10.71
N LEU A 264 14.35 5.93 11.35
CA LEU A 264 15.23 5.40 12.38
C LEU A 264 16.59 5.01 11.83
N ALA A 265 16.58 4.16 10.80
CA ALA A 265 17.82 3.70 10.20
C ALA A 265 18.70 4.87 9.75
N LYS A 266 18.13 5.84 9.04
CA LYS A 266 18.93 6.95 8.58
C LYS A 266 19.34 7.89 9.73
N ALA A 267 18.44 8.12 10.68
CA ALA A 267 18.78 8.98 11.81
C ALA A 267 19.86 8.32 12.71
N ALA A 268 19.75 7.01 12.91
CA ALA A 268 20.73 6.30 13.76
C ALA A 268 22.14 6.29 13.17
N LEU A 269 22.23 6.07 11.86
CA LEU A 269 23.54 6.04 11.20
C LEU A 269 24.19 7.42 11.32
N ARG A 270 23.42 8.47 11.09
CA ARG A 270 23.94 9.82 11.17
C ARG A 270 24.52 10.07 12.56
N LEU A 271 23.78 9.65 13.58
CA LEU A 271 24.21 9.81 14.96
C LEU A 271 25.50 9.07 15.26
N GLN A 272 25.79 8.02 14.47
CA GLN A 272 27.01 7.25 14.66
C GLN A 272 28.13 7.77 13.77
N GLY A 273 27.89 8.92 13.11
CA GLY A 273 28.91 9.50 12.25
C GLY A 273 28.87 9.09 10.79
N ILE A 274 27.78 8.47 10.36
CA ILE A 274 27.64 8.05 8.97
C ILE A 274 26.40 8.73 8.40
N ASN A 275 26.60 9.85 7.73
CA ASN A 275 25.50 10.62 7.16
C ASN A 275 25.01 10.02 5.85
N VAL A 276 23.75 9.61 5.81
CA VAL A 276 23.19 9.04 4.60
C VAL A 276 21.99 9.85 4.15
N GLY A 277 21.94 11.10 4.62
CA GLY A 277 20.85 11.99 4.25
C GLY A 277 19.56 11.77 5.00
N ASP A 278 18.49 12.38 4.49
CA ASP A 278 17.16 12.25 5.07
C ASP A 278 16.28 11.47 4.09
N PRO A 279 15.10 11.05 4.54
CA PRO A 279 14.22 10.30 3.64
C PRO A 279 13.46 11.26 2.72
N ARG A 280 12.78 10.69 1.71
CA ARG A 280 12.00 11.49 0.78
C ARG A 280 10.55 11.50 1.24
N LEU A 281 9.87 12.63 1.06
CA LEU A 281 8.48 12.73 1.47
C LEU A 281 7.65 11.65 0.80
N PRO A 282 6.58 11.18 1.46
CA PRO A 282 6.09 11.59 2.78
C PRO A 282 6.87 11.14 4.01
N ILE A 283 7.98 10.42 3.85
CA ILE A 283 8.73 9.98 5.01
C ILE A 283 9.55 11.15 5.53
N MET A 284 9.67 11.25 6.85
CA MET A 284 10.43 12.36 7.43
C MET A 284 11.44 11.96 8.49
N ALA A 285 12.50 12.75 8.60
CA ALA A 285 13.53 12.52 9.60
C ALA A 285 12.94 12.91 10.95
N PRO A 286 13.52 12.43 12.05
CA PRO A 286 13.01 12.75 13.39
C PRO A 286 13.29 14.21 13.73
N ASN A 287 12.40 14.85 14.48
CA ASN A 287 12.63 16.24 14.86
C ASN A 287 13.59 16.27 16.04
N GLU A 288 13.88 17.47 16.54
CA GLU A 288 14.81 17.65 17.66
C GLU A 288 14.45 16.82 18.89
N GLN A 289 13.18 16.82 19.27
CA GLN A 289 12.75 16.07 20.44
C GLN A 289 12.90 14.56 20.20
N GLU A 290 12.51 14.11 19.02
CA GLU A 290 12.59 12.69 18.69
C GLU A 290 14.05 12.22 18.65
N LEU A 291 14.95 13.07 18.15
CA LEU A 291 16.37 12.74 18.08
C LEU A 291 16.96 12.57 19.46
N GLU A 292 16.40 13.28 20.42
CA GLU A 292 16.88 13.20 21.80
C GLU A 292 16.47 11.84 22.39
N ALA A 293 15.23 11.46 22.15
CA ALA A 293 14.72 10.19 22.64
C ALA A 293 15.49 9.05 21.97
N LEU A 294 15.82 9.24 20.69
CA LEU A 294 16.57 8.23 19.93
C LEU A 294 17.98 8.05 20.50
N ARG A 295 18.66 9.16 20.82
CA ARG A 295 20.01 9.06 21.38
C ARG A 295 19.94 8.24 22.65
N GLU A 296 18.90 8.48 23.44
CA GLU A 296 18.69 7.77 24.71
C GLU A 296 18.61 6.27 24.46
N ASP A 297 17.74 5.86 23.53
CA ASP A 297 17.56 4.46 23.22
C ASP A 297 18.86 3.84 22.69
N MET A 298 19.58 4.58 21.86
CA MET A 298 20.82 4.08 21.30
C MET A 298 21.89 3.89 22.36
N LYS A 299 21.95 4.79 23.33
CA LYS A 299 22.93 4.67 24.39
C LYS A 299 22.55 3.48 25.28
N LYS A 300 21.26 3.31 25.54
CA LYS A 300 20.81 2.19 26.35
C LYS A 300 21.09 0.89 25.62
N ALA A 301 20.89 0.89 24.31
CA ALA A 301 21.14 -0.30 23.51
C ALA A 301 22.65 -0.55 23.39
N GLY A 302 23.45 0.38 23.91
CA GLY A 302 24.89 0.24 23.85
C GLY A 302 25.51 0.49 22.48
N VAL A 303 24.84 1.25 21.63
CA VAL A 303 25.38 1.50 20.29
C VAL A 303 25.67 2.97 20.01
N LEU A 304 25.77 3.75 21.08
CA LEU A 304 26.07 5.18 20.97
C LEU A 304 26.77 5.59 22.27
N ILE B 3 -34.68 32.33 -3.50
CA ILE B 3 -35.15 30.95 -3.79
C ILE B 3 -34.19 29.90 -3.20
N THR B 4 -34.67 29.17 -2.21
CA THR B 4 -33.88 28.13 -1.55
C THR B 4 -34.78 27.14 -0.82
N SER B 5 -34.57 25.86 -1.05
CA SER B 5 -35.36 24.81 -0.42
C SER B 5 -34.45 23.79 0.26
N THR B 6 -34.21 24.01 1.55
CA THR B 6 -33.34 23.14 2.33
C THR B 6 -33.89 21.74 2.63
N GLY B 7 -33.14 20.74 2.21
CA GLY B 7 -33.53 19.35 2.46
C GLY B 7 -32.86 18.92 3.75
N LEU B 8 -32.92 17.63 4.05
CA LEU B 8 -32.32 17.10 5.28
C LEU B 8 -30.84 16.78 5.16
N THR B 9 -30.32 16.77 3.94
CA THR B 9 -28.92 16.44 3.71
C THR B 9 -28.00 17.65 3.72
N ALA B 10 -26.84 17.53 4.38
CA ALA B 10 -25.87 18.60 4.41
C ALA B 10 -25.47 18.85 2.94
N LYS B 11 -25.29 20.12 2.58
CA LYS B 11 -24.94 20.47 1.21
C LYS B 11 -23.47 20.88 1.06
N THR B 12 -22.72 20.78 2.15
CA THR B 12 -21.32 21.14 2.14
C THR B 12 -20.52 20.53 0.99
N GLY B 13 -19.79 21.39 0.28
CA GLY B 13 -18.93 20.96 -0.81
C GLY B 13 -19.47 20.22 -2.01
N VAL B 14 -20.80 20.13 -2.14
CA VAL B 14 -21.37 19.42 -3.27
C VAL B 14 -21.14 20.15 -4.59
N GLU B 15 -20.74 21.41 -4.52
CA GLU B 15 -20.50 22.19 -5.74
C GLU B 15 -19.14 21.83 -6.35
N HIS B 16 -18.39 20.99 -5.66
CA HIS B 16 -17.09 20.54 -6.14
C HIS B 16 -17.05 19.03 -6.32
N PHE B 17 -17.70 18.31 -5.41
CA PHE B 17 -17.67 16.85 -5.47
C PHE B 17 -19.00 16.14 -5.71
N GLY B 18 -20.06 16.91 -5.90
CA GLY B 18 -21.36 16.30 -6.17
C GLY B 18 -22.03 15.70 -4.95
N THR B 19 -22.97 14.79 -5.18
CA THR B 19 -23.68 14.15 -4.10
C THR B 19 -23.64 12.62 -4.20
N VAL B 20 -24.03 12.10 -5.36
CA VAL B 20 -24.06 10.66 -5.58
C VAL B 20 -23.15 10.29 -6.74
N GLY B 21 -22.06 9.59 -6.44
CA GLY B 21 -21.13 9.20 -7.48
C GLY B 21 -20.41 7.90 -7.17
N VAL B 22 -19.58 7.45 -8.09
CA VAL B 22 -18.83 6.22 -7.90
C VAL B 22 -17.39 6.39 -8.32
N ALA B 23 -16.53 5.54 -7.77
CA ALA B 23 -15.13 5.53 -8.14
C ALA B 23 -15.20 4.64 -9.37
N MET B 24 -15.37 5.25 -10.54
CA MET B 24 -15.52 4.52 -11.80
C MET B 24 -14.38 3.59 -12.22
N VAL B 25 -14.76 2.47 -12.79
CA VAL B 25 -13.80 1.48 -13.28
C VAL B 25 -13.09 2.08 -14.49
N THR B 26 -11.95 1.50 -14.83
CA THR B 26 -11.19 1.91 -16.00
C THR B 26 -11.29 0.71 -16.94
N PRO B 27 -12.20 0.79 -17.93
CA PRO B 27 -12.40 -0.29 -18.88
C PRO B 27 -11.15 -0.68 -19.67
N PHE B 28 -10.97 -1.99 -19.85
CA PHE B 28 -9.84 -2.53 -20.60
C PHE B 28 -10.38 -3.45 -21.69
N THR B 29 -9.66 -3.52 -22.81
CA THR B 29 -10.05 -4.38 -23.91
C THR B 29 -9.67 -5.80 -23.51
N GLU B 30 -10.00 -6.78 -24.35
CA GLU B 30 -9.67 -8.16 -24.06
C GLU B 30 -8.20 -8.40 -23.78
N SER B 31 -7.33 -7.59 -24.38
CA SER B 31 -5.90 -7.76 -24.19
C SER B 31 -5.27 -6.89 -23.11
N GLY B 32 -6.10 -6.27 -22.28
CA GLY B 32 -5.57 -5.45 -21.21
C GLY B 32 -5.30 -3.99 -21.51
N ASP B 33 -5.57 -3.56 -22.74
CA ASP B 33 -5.35 -2.16 -23.10
C ASP B 33 -6.50 -1.28 -22.65
N ILE B 34 -6.22 -0.02 -22.37
CA ILE B 34 -7.28 0.87 -21.93
C ILE B 34 -8.29 1.04 -23.06
N ASP B 35 -9.57 1.07 -22.70
CA ASP B 35 -10.62 1.24 -23.69
C ASP B 35 -11.37 2.54 -23.42
N ILE B 36 -10.85 3.63 -23.98
CA ILE B 36 -11.44 4.96 -23.81
C ILE B 36 -12.91 5.05 -24.21
N ALA B 37 -13.28 4.38 -25.30
CA ALA B 37 -14.65 4.42 -25.76
C ALA B 37 -15.60 3.87 -24.73
N ALA B 38 -15.27 2.71 -24.17
CA ALA B 38 -16.12 2.08 -23.16
C ALA B 38 -16.14 2.95 -21.90
N GLY B 39 -15.05 3.67 -21.66
CA GLY B 39 -14.96 4.55 -20.50
C GLY B 39 -15.98 5.67 -20.59
N ARG B 40 -16.07 6.26 -21.79
CA ARG B 40 -17.01 7.35 -22.02
C ARG B 40 -18.43 6.80 -22.01
N GLU B 41 -18.60 5.57 -22.49
CA GLU B 41 -19.92 4.93 -22.53
C GLU B 41 -20.44 4.69 -21.13
N VAL B 42 -19.56 4.15 -20.27
CA VAL B 42 -19.94 3.87 -18.90
C VAL B 42 -20.25 5.14 -18.12
N ALA B 43 -19.44 6.18 -18.32
CA ALA B 43 -19.66 7.44 -17.63
C ALA B 43 -21.00 8.05 -18.01
N ALA B 44 -21.31 8.06 -19.30
CA ALA B 44 -22.58 8.62 -19.75
C ALA B 44 -23.72 7.77 -19.19
N TYR B 45 -23.51 6.45 -19.18
CA TYR B 45 -24.50 5.52 -18.67
C TYR B 45 -24.81 5.83 -17.20
N LEU B 46 -23.78 5.85 -16.36
CA LEU B 46 -23.92 6.10 -14.94
C LEU B 46 -24.59 7.44 -14.60
N VAL B 47 -24.16 8.50 -15.28
CA VAL B 47 -24.71 9.81 -15.06
C VAL B 47 -26.18 9.84 -15.48
N ASP B 48 -26.48 9.27 -16.65
CA ASP B 48 -27.87 9.23 -17.10
C ASP B 48 -28.71 8.48 -16.07
N LYS B 49 -28.08 7.56 -15.36
CA LYS B 49 -28.76 6.76 -14.32
C LYS B 49 -28.99 7.53 -13.03
N GLY B 50 -28.35 8.68 -12.87
CA GLY B 50 -28.55 9.45 -11.65
C GLY B 50 -27.30 9.91 -10.94
N LEU B 51 -26.14 9.40 -11.31
CA LEU B 51 -24.90 9.83 -10.66
C LEU B 51 -24.58 11.24 -11.11
N ASP B 52 -24.08 12.07 -10.20
CA ASP B 52 -23.71 13.44 -10.55
C ASP B 52 -22.24 13.66 -10.22
N SER B 53 -21.51 12.58 -10.04
CA SER B 53 -20.09 12.68 -9.70
C SER B 53 -19.36 11.40 -10.08
N LEU B 54 -18.10 11.53 -10.49
CA LEU B 54 -17.32 10.38 -10.87
C LEU B 54 -15.87 10.55 -10.48
N VAL B 55 -15.32 9.58 -9.77
CA VAL B 55 -13.92 9.62 -9.39
C VAL B 55 -13.18 8.77 -10.41
N LEU B 56 -12.23 9.39 -11.10
CA LEU B 56 -11.45 8.68 -12.10
C LEU B 56 -10.06 8.41 -11.54
N ALA B 57 -9.57 7.20 -11.78
CA ALA B 57 -8.24 6.80 -11.27
C ALA B 57 -8.24 6.60 -9.76
N GLY B 58 -9.35 6.11 -9.23
CA GLY B 58 -9.43 5.83 -7.81
C GLY B 58 -9.02 4.37 -7.64
N THR B 59 -9.25 3.81 -6.47
CA THR B 59 -8.90 2.41 -6.21
C THR B 59 -9.63 1.52 -7.20
N THR B 60 -10.94 1.73 -7.28
CA THR B 60 -11.80 0.94 -8.17
C THR B 60 -11.44 1.18 -9.64
N GLY B 61 -10.79 2.31 -9.90
CA GLY B 61 -10.37 2.65 -11.26
C GLY B 61 -9.02 2.01 -11.56
N GLU B 62 -8.57 1.14 -10.67
CA GLU B 62 -7.29 0.45 -10.84
C GLU B 62 -6.08 1.35 -11.03
N SER B 63 -5.96 2.36 -10.16
CA SER B 63 -4.84 3.29 -10.23
C SER B 63 -3.46 2.62 -10.10
N PRO B 64 -3.37 1.45 -9.45
CA PRO B 64 -2.04 0.83 -9.32
C PRO B 64 -1.49 0.21 -10.62
N THR B 65 -2.37 -0.25 -11.50
CA THR B 65 -1.92 -0.88 -12.75
C THR B 65 -2.03 -0.02 -14.02
N THR B 66 -2.41 1.24 -13.88
CA THR B 66 -2.53 2.12 -15.04
C THR B 66 -1.43 3.16 -15.01
N THR B 67 -0.97 3.57 -16.19
CA THR B 67 0.10 4.58 -16.27
C THR B 67 -0.48 5.97 -16.09
N ALA B 68 0.40 6.95 -15.86
CA ALA B 68 -0.02 8.33 -15.69
C ALA B 68 -0.74 8.82 -16.95
N ALA B 69 -0.26 8.38 -18.11
CA ALA B 69 -0.86 8.79 -19.38
C ALA B 69 -2.25 8.20 -19.56
N GLU B 70 -2.43 6.93 -19.20
CA GLU B 70 -3.73 6.29 -19.30
C GLU B 70 -4.74 7.05 -18.43
N LYS B 71 -4.30 7.47 -17.25
CA LYS B 71 -5.17 8.21 -16.32
C LYS B 71 -5.62 9.52 -16.94
N LEU B 72 -4.65 10.34 -17.34
CA LEU B 72 -4.94 11.64 -17.95
C LEU B 72 -5.87 11.46 -19.14
N GLU B 73 -5.64 10.39 -19.90
CA GLU B 73 -6.42 10.10 -21.08
C GLU B 73 -7.88 9.83 -20.72
N LEU B 74 -8.11 8.94 -19.76
CA LEU B 74 -9.49 8.65 -19.35
C LEU B 74 -10.15 9.93 -18.87
N LEU B 75 -9.43 10.69 -18.05
CA LEU B 75 -9.95 11.93 -17.51
C LEU B 75 -10.42 12.88 -18.59
N LYS B 76 -9.55 13.18 -19.55
CA LYS B 76 -9.92 14.10 -20.63
C LYS B 76 -11.07 13.54 -21.45
N ALA B 77 -11.07 12.23 -21.66
CA ALA B 77 -12.13 11.61 -22.44
C ALA B 77 -13.50 11.69 -21.74
N VAL B 78 -13.54 11.39 -20.44
CA VAL B 78 -14.80 11.44 -19.70
C VAL B 78 -15.32 12.86 -19.60
N ARG B 79 -14.40 13.81 -19.41
CA ARG B 79 -14.76 15.22 -19.31
C ARG B 79 -15.49 15.66 -20.58
N GLU B 80 -15.00 15.22 -21.73
CA GLU B 80 -15.62 15.56 -23.00
C GLU B 80 -17.02 14.94 -23.08
N GLU B 81 -17.16 13.77 -22.47
CA GLU B 81 -18.42 13.04 -22.48
C GLU B 81 -19.48 13.57 -21.51
N VAL B 82 -19.16 13.62 -20.23
CA VAL B 82 -20.10 14.07 -19.21
C VAL B 82 -19.66 15.27 -18.38
N GLY B 83 -18.74 16.08 -18.91
CA GLY B 83 -18.26 17.22 -18.16
C GLY B 83 -19.30 18.29 -17.86
N ASP B 84 -20.26 18.44 -18.77
CA ASP B 84 -21.30 19.45 -18.58
C ASP B 84 -22.41 19.06 -17.62
N ARG B 85 -22.34 17.87 -17.02
CA ARG B 85 -23.38 17.48 -16.08
C ARG B 85 -22.97 16.59 -14.91
N ALA B 86 -21.67 16.54 -14.64
CA ALA B 86 -21.17 15.73 -13.52
C ALA B 86 -19.84 16.25 -13.03
N LYS B 87 -19.61 16.15 -11.74
CA LYS B 87 -18.34 16.58 -11.15
C LYS B 87 -17.32 15.47 -11.39
N LEU B 88 -16.16 15.83 -11.94
CA LEU B 88 -15.12 14.85 -12.22
C LEU B 88 -13.99 15.00 -11.21
N ILE B 89 -13.80 13.95 -10.41
CA ILE B 89 -12.78 13.96 -9.35
C ILE B 89 -11.62 13.04 -9.74
N ALA B 90 -10.42 13.60 -9.75
CA ALA B 90 -9.24 12.84 -10.12
C ALA B 90 -8.39 12.28 -8.97
N GLY B 91 -8.18 10.97 -8.98
CA GLY B 91 -7.36 10.35 -7.96
C GLY B 91 -5.93 10.70 -8.35
N VAL B 92 -5.20 11.36 -7.46
CA VAL B 92 -3.83 11.75 -7.76
C VAL B 92 -2.83 11.37 -6.67
N GLY B 93 -3.33 10.87 -5.55
CA GLY B 93 -2.45 10.50 -4.46
C GLY B 93 -1.74 9.17 -4.65
N THR B 94 -0.47 9.14 -4.27
CA THR B 94 0.37 7.94 -4.35
C THR B 94 1.09 7.95 -3.01
N ASN B 95 2.10 7.11 -2.86
CA ASN B 95 2.86 7.11 -1.62
C ASN B 95 4.23 7.77 -1.86
N ASN B 96 4.28 8.64 -2.87
CA ASN B 96 5.49 9.39 -3.23
C ASN B 96 4.99 10.82 -3.42
N THR B 97 5.43 11.74 -2.58
CA THR B 97 4.98 13.12 -2.66
C THR B 97 5.23 13.79 -4.01
N ARG B 98 6.38 13.51 -4.61
CA ARG B 98 6.74 14.09 -5.90
C ARG B 98 5.77 13.66 -7.00
N THR B 99 5.52 12.35 -7.13
CA THR B 99 4.60 11.89 -8.15
C THR B 99 3.16 12.29 -7.84
N SER B 100 2.84 12.43 -6.56
CA SER B 100 1.50 12.84 -6.18
C SER B 100 1.29 14.26 -6.70
N VAL B 101 2.33 15.09 -6.58
CA VAL B 101 2.28 16.47 -7.05
C VAL B 101 2.14 16.51 -8.56
N GLU B 102 2.91 15.66 -9.24
CA GLU B 102 2.88 15.58 -10.70
C GLU B 102 1.49 15.22 -11.21
N LEU B 103 0.88 14.22 -10.58
CA LEU B 103 -0.45 13.76 -10.94
C LEU B 103 -1.53 14.82 -10.72
N ALA B 104 -1.38 15.60 -9.64
CA ALA B 104 -2.34 16.66 -9.29
C ALA B 104 -2.28 17.83 -10.26
N GLU B 105 -1.09 18.16 -10.74
CA GLU B 105 -0.94 19.27 -11.67
C GLU B 105 -1.50 18.86 -13.02
N ALA B 106 -1.25 17.63 -13.43
CA ALA B 106 -1.74 17.12 -14.70
C ALA B 106 -3.26 17.11 -14.70
N ALA B 107 -3.85 16.76 -13.56
CA ALA B 107 -5.30 16.70 -13.43
C ALA B 107 -5.91 18.09 -13.42
N ALA B 108 -5.21 19.04 -12.81
CA ALA B 108 -5.69 20.41 -12.75
C ALA B 108 -5.78 20.96 -14.17
N SER B 109 -4.68 20.84 -14.91
CA SER B 109 -4.65 21.32 -16.29
C SER B 109 -5.73 20.64 -17.15
N ALA B 110 -6.11 19.43 -16.77
CA ALA B 110 -7.13 18.70 -17.51
C ALA B 110 -8.54 19.20 -17.22
N GLY B 111 -8.67 20.05 -16.20
CA GLY B 111 -9.97 20.59 -15.86
C GLY B 111 -10.74 19.81 -14.81
N ALA B 112 -10.03 19.11 -13.93
CA ALA B 112 -10.69 18.33 -12.89
C ALA B 112 -11.43 19.24 -11.90
N ASP B 113 -12.62 18.82 -11.51
CA ASP B 113 -13.43 19.58 -10.56
C ASP B 113 -12.93 19.40 -9.14
N GLY B 114 -12.28 18.27 -8.90
CA GLY B 114 -11.75 17.98 -7.58
C GLY B 114 -10.64 16.96 -7.66
N LEU B 115 -9.97 16.74 -6.53
CA LEU B 115 -8.86 15.78 -6.47
C LEU B 115 -9.04 14.85 -5.29
N LEU B 116 -8.84 13.56 -5.51
CA LEU B 116 -8.94 12.61 -4.43
C LEU B 116 -7.51 12.27 -4.09
N VAL B 117 -7.14 12.44 -2.83
CA VAL B 117 -5.78 12.17 -2.40
C VAL B 117 -5.80 11.19 -1.26
N VAL B 118 -5.52 9.93 -1.58
CA VAL B 118 -5.51 8.88 -0.57
C VAL B 118 -4.35 9.06 0.39
N THR B 119 -4.49 8.50 1.58
CA THR B 119 -3.42 8.57 2.56
C THR B 119 -2.30 7.69 1.99
N PRO B 120 -1.05 8.18 2.01
CA PRO B 120 0.05 7.36 1.47
C PRO B 120 0.00 5.94 2.05
N TYR B 121 0.02 4.96 1.16
CA TYR B 121 -0.05 3.54 1.54
C TYR B 121 1.30 2.84 1.63
N TYR B 122 1.30 1.68 2.29
CA TYR B 122 2.49 0.84 2.43
C TYR B 122 3.67 1.31 3.28
N SER B 123 4.17 2.52 3.02
CA SER B 123 5.33 3.03 3.75
C SER B 123 5.06 3.49 5.18
N LYS B 124 3.80 3.76 5.49
CA LYS B 124 3.38 4.17 6.82
C LYS B 124 4.13 5.38 7.38
N PRO B 125 3.95 6.55 6.76
CA PRO B 125 4.62 7.77 7.23
C PRO B 125 3.98 8.22 8.53
N SER B 126 4.62 9.14 9.24
CA SER B 126 4.11 9.65 10.48
C SER B 126 3.05 10.69 10.12
N GLN B 127 2.27 11.12 11.11
CA GLN B 127 1.24 12.12 10.88
C GLN B 127 1.90 13.43 10.44
N GLU B 128 3.11 13.71 10.94
CA GLU B 128 3.82 14.91 10.54
C GLU B 128 4.12 14.79 9.06
N GLY B 129 4.44 13.57 8.63
CA GLY B 129 4.71 13.32 7.22
C GLY B 129 3.48 13.58 6.39
N LEU B 130 2.31 13.25 6.95
CA LEU B 130 1.05 13.46 6.24
C LEU B 130 0.81 14.95 6.02
N LEU B 131 1.07 15.76 7.03
CA LEU B 131 0.87 17.20 6.91
C LEU B 131 1.79 17.77 5.83
N ALA B 132 3.01 17.27 5.75
CA ALA B 132 3.96 17.73 4.74
C ALA B 132 3.56 17.24 3.35
N HIS B 133 3.09 16.00 3.28
CA HIS B 133 2.66 15.38 2.02
C HIS B 133 1.46 16.11 1.44
N PHE B 134 0.35 16.07 2.19
CA PHE B 134 -0.87 16.74 1.76
C PHE B 134 -0.61 18.22 1.57
N GLY B 135 0.23 18.80 2.44
CA GLY B 135 0.54 20.21 2.32
C GLY B 135 1.13 20.56 0.97
N ALA B 136 2.13 19.81 0.55
CA ALA B 136 2.77 20.05 -0.74
C ALA B 136 1.76 19.93 -1.89
N ILE B 137 0.93 18.89 -1.84
CA ILE B 137 -0.06 18.69 -2.89
C ILE B 137 -1.07 19.85 -2.96
N ALA B 138 -1.61 20.24 -1.81
CA ALA B 138 -2.59 21.33 -1.78
C ALA B 138 -2.01 22.66 -2.25
N ALA B 139 -0.69 22.82 -2.15
CA ALA B 139 -0.06 24.06 -2.56
C ALA B 139 0.24 24.08 -4.06
N ALA B 140 0.28 22.91 -4.68
CA ALA B 140 0.58 22.81 -6.11
C ALA B 140 -0.52 23.28 -7.06
N THR B 141 -1.78 23.20 -6.66
CA THR B 141 -2.87 23.65 -7.54
C THR B 141 -3.98 24.30 -6.72
N GLU B 142 -4.98 24.85 -7.41
CA GLU B 142 -6.11 25.50 -6.75
C GLU B 142 -7.35 24.61 -6.76
N VAL B 143 -7.19 23.37 -7.22
CA VAL B 143 -8.30 22.43 -7.29
C VAL B 143 -8.72 21.90 -5.91
N PRO B 144 -10.03 21.88 -5.63
CA PRO B 144 -10.51 21.37 -4.34
C PRO B 144 -10.02 19.95 -4.10
N ILE B 145 -9.62 19.65 -2.87
CA ILE B 145 -9.12 18.34 -2.52
C ILE B 145 -10.01 17.58 -1.56
N CYS B 146 -10.18 16.29 -1.83
CA CYS B 146 -10.95 15.42 -0.97
C CYS B 146 -9.96 14.39 -0.44
N LEU B 147 -9.75 14.40 0.88
CA LEU B 147 -8.83 13.46 1.50
C LEU B 147 -9.50 12.10 1.48
N TYR B 148 -8.70 11.04 1.37
CA TYR B 148 -9.25 9.69 1.33
C TYR B 148 -8.65 8.92 2.50
N ASP B 149 -9.47 8.76 3.55
CA ASP B 149 -9.06 8.08 4.78
C ASP B 149 -9.47 6.61 4.72
N ILE B 150 -8.48 5.72 4.62
CA ILE B 150 -8.77 4.29 4.55
C ILE B 150 -7.58 3.45 5.01
N PRO B 151 -7.35 3.41 6.33
CA PRO B 151 -6.25 2.66 6.94
C PRO B 151 -6.24 1.19 6.51
N GLY B 152 -7.41 0.66 6.16
CA GLY B 152 -7.51 -0.73 5.75
C GLY B 152 -6.73 -1.06 4.48
N ARG B 153 -6.44 -0.06 3.67
CA ARG B 153 -5.68 -0.28 2.43
C ARG B 153 -4.28 0.32 2.53
N SER B 154 -4.18 1.48 3.18
CA SER B 154 -2.92 2.20 3.31
C SER B 154 -2.02 1.78 4.46
N GLY B 155 -2.60 1.30 5.55
CA GLY B 155 -1.81 0.88 6.70
C GLY B 155 -1.84 1.84 7.87
N ILE B 156 -2.20 3.10 7.59
CA ILE B 156 -2.29 4.12 8.63
C ILE B 156 -3.52 4.97 8.39
N PRO B 157 -4.03 5.60 9.46
CA PRO B 157 -5.22 6.44 9.30
C PRO B 157 -4.81 7.90 9.36
N ILE B 158 -5.77 8.79 9.08
CA ILE B 158 -5.53 10.20 9.19
C ILE B 158 -6.13 10.48 10.56
N GLU B 159 -5.27 10.62 11.57
CA GLU B 159 -5.76 10.86 12.92
C GLU B 159 -6.56 12.15 13.00
N SER B 160 -7.42 12.23 14.02
CA SER B 160 -8.28 13.39 14.23
C SER B 160 -7.56 14.73 14.30
N ASP B 161 -6.48 14.80 15.07
CA ASP B 161 -5.76 16.06 15.18
C ASP B 161 -5.17 16.43 13.84
N THR B 162 -4.67 15.43 13.12
CA THR B 162 -4.10 15.66 11.81
C THR B 162 -5.16 16.18 10.86
N MET B 163 -6.36 15.62 10.97
CA MET B 163 -7.45 16.04 10.11
C MET B 163 -7.81 17.49 10.39
N ARG B 164 -7.79 17.88 11.66
CA ARG B 164 -8.12 19.26 12.02
C ARG B 164 -7.11 20.25 11.44
N ARG B 165 -5.82 19.89 11.45
CA ARG B 165 -4.79 20.78 10.90
C ARG B 165 -4.99 20.94 9.41
N LEU B 166 -5.18 19.83 8.71
CA LEU B 166 -5.38 19.83 7.27
C LEU B 166 -6.60 20.62 6.82
N SER B 167 -7.65 20.64 7.64
CA SER B 167 -8.86 21.37 7.29
C SER B 167 -8.61 22.88 7.22
N GLU B 168 -7.43 23.30 7.67
CA GLU B 168 -7.06 24.73 7.65
C GLU B 168 -6.55 25.19 6.29
N LEU B 169 -6.05 24.24 5.49
CA LEU B 169 -5.57 24.57 4.15
C LEU B 169 -6.79 24.94 3.32
N PRO B 170 -6.72 26.09 2.62
CA PRO B 170 -7.83 26.56 1.79
C PRO B 170 -8.40 25.62 0.72
N THR B 171 -7.59 24.75 0.13
CA THR B 171 -8.14 23.85 -0.88
C THR B 171 -8.60 22.48 -0.37
N ILE B 172 -8.33 22.18 0.91
CA ILE B 172 -8.76 20.90 1.46
C ILE B 172 -10.20 21.10 1.92
N LEU B 173 -11.15 20.52 1.18
CA LEU B 173 -12.57 20.72 1.48
C LEU B 173 -13.43 19.50 1.75
N ALA B 174 -12.86 18.29 1.66
CA ALA B 174 -13.67 17.11 1.90
C ALA B 174 -12.87 15.88 2.28
N VAL B 175 -13.59 14.87 2.74
CA VAL B 175 -13.01 13.60 3.15
C VAL B 175 -13.89 12.50 2.58
N KPI B 176 -13.28 11.56 1.82
CA KPI B 176 -13.92 10.28 1.53
CB KPI B 176 -13.43 9.72 0.18
CG KPI B 176 -14.05 8.34 -0.20
CD KPI B 176 -13.53 7.83 -1.55
CE KPI B 176 -14.17 6.47 -1.87
NZ KPI B 176 -13.27 5.83 -2.84
CX1 KPI B 176 -13.36 4.74 -3.50
C1 KPI B 176 -14.59 3.85 -3.31
CX2 KPI B 176 -12.26 4.33 -4.43
O1 KPI B 176 -12.38 3.24 -5.07
O2 KPI B 176 -11.25 5.08 -4.58
C KPI B 176 -13.57 9.40 2.73
O KPI B 176 -12.37 9.12 2.99
N ASP B 177 -14.58 8.99 3.49
CA ASP B 177 -14.33 8.19 4.68
C ASP B 177 -14.56 6.70 4.49
N ALA B 178 -13.46 5.95 4.55
CA ALA B 178 -13.52 4.50 4.43
C ALA B 178 -12.94 3.91 5.71
N LYS B 179 -12.90 4.73 6.77
CA LYS B 179 -12.36 4.31 8.05
C LYS B 179 -13.50 3.85 8.97
N GLY B 180 -14.63 4.54 8.89
CA GLY B 180 -15.76 4.17 9.71
C GLY B 180 -15.67 4.45 11.20
N ASP B 181 -14.79 5.37 11.62
CA ASP B 181 -14.70 5.72 13.05
C ASP B 181 -15.79 6.77 13.26
N LEU B 182 -17.00 6.31 13.55
CA LEU B 182 -18.13 7.20 13.75
C LEU B 182 -17.99 8.14 14.95
N VAL B 183 -17.28 7.68 15.97
CA VAL B 183 -17.09 8.51 17.17
C VAL B 183 -16.31 9.78 16.83
N ALA B 184 -15.16 9.61 16.20
CA ALA B 184 -14.31 10.72 15.85
C ALA B 184 -14.91 11.63 14.78
N ALA B 185 -15.47 11.01 13.74
CA ALA B 185 -16.04 11.75 12.62
C ALA B 185 -17.27 12.59 12.98
N THR B 186 -18.08 12.10 13.91
CA THR B 186 -19.27 12.84 14.32
C THR B 186 -18.88 14.25 14.75
N SER B 187 -17.76 14.36 15.46
CA SER B 187 -17.27 15.66 15.93
C SER B 187 -16.50 16.44 14.86
N LEU B 188 -15.68 15.73 14.08
CA LEU B 188 -14.90 16.38 13.03
C LEU B 188 -15.79 17.06 12.00
N ILE B 189 -16.88 16.41 11.63
CA ILE B 189 -17.83 16.95 10.66
C ILE B 189 -18.29 18.33 11.11
N LYS B 190 -18.58 18.46 12.40
CA LYS B 190 -19.03 19.72 12.96
C LYS B 190 -17.90 20.72 13.14
N GLU B 191 -16.73 20.24 13.57
CA GLU B 191 -15.57 21.10 13.81
C GLU B 191 -14.88 21.66 12.58
N THR B 192 -14.32 20.76 11.76
CA THR B 192 -13.56 21.13 10.57
C THR B 192 -14.29 21.81 9.41
N GLY B 193 -15.61 21.64 9.34
CA GLY B 193 -16.34 22.24 8.24
C GLY B 193 -16.10 21.50 6.93
N LEU B 194 -15.41 20.37 7.02
CA LEU B 194 -15.13 19.56 5.83
C LEU B 194 -16.36 18.75 5.41
N ALA B 195 -16.54 18.60 4.10
CA ALA B 195 -17.65 17.81 3.58
C ALA B 195 -17.24 16.35 3.70
N TRP B 196 -18.07 15.53 4.35
CA TRP B 196 -17.76 14.13 4.50
C TRP B 196 -18.56 13.26 3.54
N TYR B 197 -17.84 12.37 2.86
CA TYR B 197 -18.44 11.48 1.88
C TYR B 197 -18.23 10.03 2.28
N SER B 198 -19.27 9.24 2.13
CA SER B 198 -19.19 7.83 2.47
C SER B 198 -18.29 7.12 1.49
N GLY B 199 -17.26 6.46 2.03
CA GLY B 199 -16.33 5.72 1.22
C GLY B 199 -16.51 4.23 1.43
N ASP B 200 -17.66 3.85 1.98
CA ASP B 200 -17.95 2.44 2.22
C ASP B 200 -19.46 2.26 2.11
N ASP B 201 -19.89 1.61 1.03
CA ASP B 201 -21.30 1.41 0.75
C ASP B 201 -22.25 1.03 1.88
N PRO B 202 -21.84 0.13 2.78
CA PRO B 202 -22.76 -0.22 3.87
C PRO B 202 -23.00 0.93 4.86
N LEU B 203 -22.23 2.00 4.74
CA LEU B 203 -22.40 3.15 5.62
C LEU B 203 -22.95 4.37 4.89
N ASN B 204 -23.36 4.21 3.64
CA ASN B 204 -23.89 5.35 2.88
C ASN B 204 -24.99 6.09 3.66
N LEU B 205 -26.03 5.37 4.05
CA LEU B 205 -27.14 5.97 4.80
C LEU B 205 -26.66 6.45 6.17
N VAL B 206 -25.79 5.67 6.80
CA VAL B 206 -25.25 6.02 8.11
C VAL B 206 -24.58 7.40 8.09
N TRP B 207 -23.76 7.65 7.07
CA TRP B 207 -23.09 8.93 6.97
C TRP B 207 -24.03 10.10 6.72
N LEU B 208 -25.10 9.87 5.96
CA LEU B 208 -26.06 10.97 5.72
C LEU B 208 -26.70 11.37 7.06
N ALA B 209 -27.03 10.38 7.86
CA ALA B 209 -27.65 10.63 9.17
C ALA B 209 -26.74 11.42 10.10
N LEU B 210 -25.43 11.26 9.93
CA LEU B 210 -24.47 11.95 10.77
C LEU B 210 -24.04 13.29 10.20
N GLY B 211 -24.63 13.69 9.07
CA GLY B 211 -24.29 14.96 8.46
C GLY B 211 -23.45 14.87 7.20
N GLY B 212 -23.42 13.70 6.57
CA GLY B 212 -22.64 13.53 5.35
C GLY B 212 -23.23 14.25 4.17
N SER B 213 -22.42 14.49 3.14
CA SER B 213 -22.89 15.19 1.95
C SER B 213 -23.21 14.28 0.76
N GLY B 214 -22.85 13.00 0.86
CA GLY B 214 -23.13 12.09 -0.23
C GLY B 214 -22.21 10.88 -0.24
N PHE B 215 -22.13 10.20 -1.37
CA PHE B 215 -21.26 9.03 -1.46
C PHE B 215 -20.41 8.92 -2.71
N ILE B 216 -19.34 8.14 -2.56
CA ILE B 216 -18.42 7.84 -3.63
C ILE B 216 -18.38 6.31 -3.50
N SER B 217 -19.38 5.70 -4.13
CA SER B 217 -19.65 4.27 -4.10
C SER B 217 -18.89 3.32 -5.03
N VAL B 218 -19.08 2.03 -4.77
CA VAL B 218 -18.52 0.98 -5.59
C VAL B 218 -19.71 0.26 -6.23
N ILE B 219 -20.63 -0.22 -5.41
CA ILE B 219 -21.80 -0.92 -5.90
C ILE B 219 -22.67 -0.02 -6.76
N GLY B 220 -22.41 1.28 -6.71
CA GLY B 220 -23.15 2.23 -7.53
C GLY B 220 -23.04 1.90 -9.00
N HIS B 221 -22.02 1.15 -9.39
CA HIS B 221 -21.87 0.74 -10.78
C HIS B 221 -23.03 -0.16 -11.19
N ALA B 222 -23.46 -1.01 -10.25
CA ALA B 222 -24.53 -1.95 -10.52
C ALA B 222 -25.94 -1.48 -10.17
N ALA B 223 -26.05 -0.47 -9.32
CA ALA B 223 -27.35 0.06 -8.91
C ALA B 223 -27.31 1.57 -8.76
N PRO B 224 -26.91 2.28 -9.82
CA PRO B 224 -26.82 3.74 -9.80
C PRO B 224 -28.13 4.44 -9.47
N THR B 225 -29.22 4.02 -10.08
CA THR B 225 -30.52 4.66 -9.82
C THR B 225 -30.93 4.45 -8.35
N ALA B 226 -30.71 3.26 -7.82
CA ALA B 226 -31.05 2.97 -6.43
C ALA B 226 -30.29 3.88 -5.48
N LEU B 227 -28.98 4.02 -5.69
CA LEU B 227 -28.18 4.89 -4.83
C LEU B 227 -28.69 6.31 -4.84
N ARG B 228 -29.06 6.81 -6.01
CA ARG B 228 -29.59 8.16 -6.14
C ARG B 228 -30.87 8.25 -5.31
N GLU B 229 -31.69 7.20 -5.37
CA GLU B 229 -32.93 7.14 -4.63
C GLU B 229 -32.68 7.12 -3.12
N LEU B 230 -31.62 6.44 -2.71
CA LEU B 230 -31.26 6.36 -1.30
C LEU B 230 -31.07 7.79 -0.82
N TYR B 231 -30.27 8.54 -1.59
CA TYR B 231 -29.97 9.93 -1.28
C TYR B 231 -31.23 10.78 -1.26
N THR B 232 -31.98 10.79 -2.35
CA THR B 232 -33.18 11.61 -2.41
C THR B 232 -34.17 11.27 -1.29
N SER B 233 -34.33 9.99 -1.01
CA SER B 233 -35.25 9.55 0.06
C SER B 233 -34.87 10.22 1.38
N PHE B 234 -33.59 10.18 1.72
CA PHE B 234 -33.15 10.78 2.96
C PHE B 234 -33.40 12.27 2.88
N GLU B 235 -33.02 12.86 1.76
CA GLU B 235 -33.17 14.29 1.52
C GLU B 235 -34.60 14.79 1.75
N GLU B 236 -35.56 14.01 1.29
CA GLU B 236 -36.98 14.34 1.41
C GLU B 236 -37.62 13.90 2.72
N GLY B 237 -36.84 13.24 3.57
CA GLY B 237 -37.38 12.80 4.84
C GLY B 237 -38.06 11.45 4.83
N ASP B 238 -38.00 10.75 3.69
CA ASP B 238 -38.62 9.43 3.60
C ASP B 238 -37.60 8.41 4.11
N LEU B 239 -37.37 8.39 5.42
CA LEU B 239 -36.40 7.48 6.02
C LEU B 239 -36.74 6.01 5.88
N VAL B 240 -38.02 5.66 5.96
CA VAL B 240 -38.40 4.26 5.83
C VAL B 240 -37.93 3.74 4.45
N ARG B 241 -38.14 4.57 3.44
CA ARG B 241 -37.75 4.27 2.07
C ARG B 241 -36.23 4.10 1.98
N ALA B 242 -35.51 4.99 2.66
CA ALA B 242 -34.06 4.96 2.65
C ALA B 242 -33.50 3.66 3.21
N ARG B 243 -33.97 3.24 4.37
CA ARG B 243 -33.45 1.99 4.94
C ARG B 243 -33.92 0.75 4.18
N GLU B 244 -35.03 0.86 3.46
CA GLU B 244 -35.51 -0.29 2.69
C GLU B 244 -34.60 -0.48 1.48
N ILE B 245 -34.19 0.64 0.88
CA ILE B 245 -33.30 0.62 -0.27
C ILE B 245 -31.92 0.12 0.16
N ASN B 246 -31.44 0.67 1.28
CA ASN B 246 -30.15 0.31 1.83
C ASN B 246 -30.06 -1.20 2.09
N ALA B 247 -31.06 -1.73 2.78
CA ALA B 247 -31.09 -3.16 3.08
C ALA B 247 -31.21 -3.96 1.80
N LYS B 248 -32.00 -3.44 0.86
CA LYS B 248 -32.21 -4.10 -0.42
C LYS B 248 -30.89 -4.36 -1.13
N LEU B 249 -29.99 -3.38 -1.11
CA LEU B 249 -28.69 -3.49 -1.79
C LEU B 249 -27.62 -4.30 -1.05
N SER B 250 -27.95 -4.78 0.13
CA SER B 250 -26.99 -5.55 0.94
C SER B 250 -26.23 -6.66 0.21
N PRO B 251 -26.92 -7.47 -0.59
CA PRO B 251 -26.21 -8.54 -1.29
C PRO B 251 -25.02 -8.04 -2.10
N LEU B 252 -25.14 -6.83 -2.66
CA LEU B 252 -24.03 -6.27 -3.43
C LEU B 252 -22.86 -6.06 -2.50
N VAL B 253 -23.13 -5.57 -1.29
CA VAL B 253 -22.10 -5.35 -0.29
C VAL B 253 -21.40 -6.67 0.04
N ALA B 254 -22.19 -7.73 0.23
CA ALA B 254 -21.63 -9.04 0.53
C ALA B 254 -20.70 -9.47 -0.61
N ALA B 255 -21.17 -9.31 -1.85
CA ALA B 255 -20.37 -9.67 -3.02
C ALA B 255 -19.08 -8.85 -3.08
N GLN B 256 -19.18 -7.55 -2.78
CA GLN B 256 -18.00 -6.72 -2.81
C GLN B 256 -17.02 -7.27 -1.78
N GLY B 257 -17.57 -7.73 -0.66
CA GLY B 257 -16.75 -8.29 0.40
C GLY B 257 -16.03 -9.56 -0.03
N ARG B 258 -16.69 -10.38 -0.84
CA ARG B 258 -16.05 -11.60 -1.28
C ARG B 258 -15.11 -11.36 -2.47
N LEU B 259 -15.50 -10.48 -3.37
CA LEU B 259 -14.72 -10.22 -4.59
C LEU B 259 -13.79 -9.01 -4.63
N GLY B 260 -14.08 -7.97 -3.86
CA GLY B 260 -13.27 -6.78 -3.93
C GLY B 260 -13.95 -5.84 -4.91
N GLY B 261 -13.83 -4.53 -4.68
CA GLY B 261 -14.46 -3.54 -5.53
C GLY B 261 -14.24 -3.62 -7.04
N VAL B 262 -12.99 -3.79 -7.46
CA VAL B 262 -12.68 -3.86 -8.88
C VAL B 262 -13.35 -5.03 -9.59
N SER B 263 -13.03 -6.24 -9.15
CA SER B 263 -13.61 -7.45 -9.75
C SER B 263 -15.12 -7.39 -9.76
N LEU B 264 -15.71 -6.96 -8.65
CA LEU B 264 -17.17 -6.87 -8.55
C LEU B 264 -17.76 -5.88 -9.53
N ALA B 265 -17.23 -4.66 -9.53
CA ALA B 265 -17.73 -3.62 -10.42
C ALA B 265 -17.66 -4.06 -11.89
N LYS B 266 -16.52 -4.58 -12.31
CA LYS B 266 -16.38 -5.00 -13.70
C LYS B 266 -17.21 -6.24 -14.01
N ALA B 267 -17.25 -7.21 -13.09
CA ALA B 267 -18.04 -8.40 -13.32
C ALA B 267 -19.55 -8.08 -13.35
N ALA B 268 -19.99 -7.19 -12.48
CA ALA B 268 -21.41 -6.84 -12.40
C ALA B 268 -21.90 -6.11 -13.65
N LEU B 269 -21.10 -5.18 -14.16
CA LEU B 269 -21.46 -4.44 -15.37
C LEU B 269 -21.60 -5.41 -16.54
N ARG B 270 -20.63 -6.31 -16.68
CA ARG B 270 -20.66 -7.29 -17.76
C ARG B 270 -21.96 -8.09 -17.71
N LEU B 271 -22.33 -8.52 -16.51
CA LEU B 271 -23.55 -9.29 -16.31
C LEU B 271 -24.81 -8.50 -16.70
N GLN B 272 -24.71 -7.18 -16.67
CA GLN B 272 -25.85 -6.34 -17.04
C GLN B 272 -25.76 -5.94 -18.52
N GLY B 273 -24.83 -6.56 -19.26
CA GLY B 273 -24.69 -6.26 -20.67
C GLY B 273 -23.74 -5.13 -21.04
N ILE B 274 -22.89 -4.72 -20.11
CA ILE B 274 -21.93 -3.67 -20.36
C ILE B 274 -20.54 -4.22 -20.09
N ASN B 275 -19.87 -4.67 -21.15
CA ASN B 275 -18.55 -5.27 -21.02
C ASN B 275 -17.45 -4.22 -20.90
N VAL B 276 -16.75 -4.22 -19.78
CA VAL B 276 -15.67 -3.26 -19.58
C VAL B 276 -14.35 -3.99 -19.36
N GLY B 277 -14.31 -5.24 -19.81
CA GLY B 277 -13.11 -6.04 -19.69
C GLY B 277 -12.88 -6.63 -18.31
N ASP B 278 -11.67 -7.13 -18.09
CA ASP B 278 -11.28 -7.72 -16.82
C ASP B 278 -10.23 -6.81 -16.19
N PRO B 279 -9.90 -7.05 -14.92
CA PRO B 279 -8.90 -6.21 -14.28
C PRO B 279 -7.48 -6.67 -14.65
N ARG B 280 -6.49 -5.85 -14.30
CA ARG B 280 -5.10 -6.18 -14.57
C ARG B 280 -4.50 -6.85 -13.34
N LEU B 281 -3.61 -7.82 -13.54
CA LEU B 281 -3.00 -8.51 -12.43
C LEU B 281 -2.27 -7.53 -11.52
N PRO B 282 -2.21 -7.82 -10.21
CA PRO B 282 -2.73 -9.01 -9.53
C PRO B 282 -4.23 -9.11 -9.30
N ILE B 283 -5.01 -8.15 -9.78
CA ILE B 283 -6.46 -8.23 -9.58
C ILE B 283 -7.04 -9.22 -10.59
N MET B 284 -8.01 -10.01 -10.17
CA MET B 284 -8.62 -10.99 -11.07
C MET B 284 -10.13 -10.97 -11.10
N ALA B 285 -10.68 -11.36 -12.25
CA ALA B 285 -12.13 -11.44 -12.45
C ALA B 285 -12.60 -12.64 -11.66
N PRO B 286 -13.90 -12.70 -11.33
CA PRO B 286 -14.42 -13.83 -10.56
C PRO B 286 -14.46 -15.10 -11.43
N ASN B 287 -14.24 -16.26 -10.81
CA ASN B 287 -14.29 -17.50 -11.58
C ASN B 287 -15.74 -17.91 -11.78
N GLU B 288 -15.96 -19.04 -12.44
CA GLU B 288 -17.30 -19.54 -12.72
C GLU B 288 -18.18 -19.66 -11.49
N GLN B 289 -17.65 -20.22 -10.42
CA GLN B 289 -18.42 -20.38 -9.20
C GLN B 289 -18.77 -19.02 -8.58
N GLU B 290 -17.79 -18.13 -8.54
CA GLU B 290 -18.00 -16.81 -7.97
C GLU B 290 -19.03 -16.01 -8.77
N LEU B 291 -19.02 -16.18 -10.10
CA LEU B 291 -19.96 -15.47 -10.97
C LEU B 291 -21.38 -15.94 -10.70
N GLU B 292 -21.53 -17.19 -10.29
CA GLU B 292 -22.84 -17.74 -10.00
C GLU B 292 -23.37 -17.11 -8.71
N ALA B 293 -22.50 -17.01 -7.71
CA ALA B 293 -22.88 -16.42 -6.44
C ALA B 293 -23.20 -14.95 -6.65
N LEU B 294 -22.45 -14.30 -7.54
CA LEU B 294 -22.66 -12.89 -7.85
C LEU B 294 -24.02 -12.65 -8.51
N ARG B 295 -24.38 -13.50 -9.47
CA ARG B 295 -25.68 -13.38 -10.15
C ARG B 295 -26.78 -13.44 -9.10
N GLU B 296 -26.61 -14.36 -8.15
CA GLU B 296 -27.58 -14.55 -7.07
C GLU B 296 -27.76 -13.25 -6.29
N ASP B 297 -26.65 -12.68 -5.84
CA ASP B 297 -26.70 -11.43 -5.08
C ASP B 297 -27.31 -10.29 -5.89
N MET B 298 -26.98 -10.23 -7.17
CA MET B 298 -27.52 -9.17 -8.02
C MET B 298 -29.01 -9.32 -8.23
N LYS B 299 -29.49 -10.55 -8.35
CA LYS B 299 -30.92 -10.76 -8.53
C LYS B 299 -31.64 -10.42 -7.22
N LYS B 300 -31.04 -10.79 -6.10
CA LYS B 300 -31.65 -10.47 -4.81
C LYS B 300 -31.65 -8.96 -4.61
N ALA B 301 -30.58 -8.30 -5.04
CA ALA B 301 -30.50 -6.85 -4.91
C ALA B 301 -31.45 -6.17 -5.89
N GLY B 302 -32.08 -6.96 -6.74
CA GLY B 302 -33.00 -6.43 -7.73
C GLY B 302 -32.35 -5.71 -8.90
N VAL B 303 -31.08 -6.00 -9.20
CA VAL B 303 -30.42 -5.33 -10.31
C VAL B 303 -30.00 -6.26 -11.43
N LEU B 304 -30.60 -7.44 -11.48
CA LEU B 304 -30.33 -8.41 -12.52
C LEU B 304 -31.58 -9.26 -12.67
#